data_8FYY
#
_entry.id   8FYY
#
_cell.length_a   92.732
_cell.length_b   92.732
_cell.length_c   136.359
_cell.angle_alpha   90.00
_cell.angle_beta   90.00
_cell.angle_gamma   120.00
#
_symmetry.space_group_name_H-M   'P 61 2 2'
#
loop_
_entity.id
_entity.type
_entity.pdbx_description
1 polymer 'Poly [ADP-ribose] polymerase 1, processed C-terminus'
2 branched beta-D-fructofuranose-(2-1)-alpha-D-glucopyranose
3 non-polymer 2-(4-{[2-(1H-benzimidazol-2-yl)ethyl]carbamoyl}phenyl)-1H-benzimidazole-7-carboxamide
4 non-polymer 'DIMETHYL SULFOXIDE'
5 non-polymer DI(HYDROXYETHYL)ETHER
6 water water
#
_entity_poly.entity_id   1
_entity_poly.type   'polypeptide(L)'
_entity_poly.pdbx_seq_one_letter_code
;MGSSHHHHHHSSGLVPRGSHMTKSKLPKPVQDLIKMIFGSGSGSGGDPIDVNYEKLKTDIKVVDRDSEEAEIIRKYVKNT
HATTHNAYDLEVIDIFKIEREGECQRYKPFKQLHNRRLLWHGSRTTNFAGILSQGLRIAPPEAPVTGYMFGKGIYFADMV
SKSANYCHTSQGDPIGLILLGEVALGNMYELKHASHISKLPKGKHSVKGLGKTTPDPSANISLDGVDVPLGTGISSGVND
TSLLYNEYIVYDIAQVNLKYLLKLKFNFKTS
;
_entity_poly.pdbx_strand_id   A
#
# COMPACT_ATOMS: atom_id res chain seq x y z
N SER A 24 6.50 -10.94 -27.62
CA SER A 24 6.59 -9.82 -26.70
C SER A 24 8.01 -9.61 -26.20
N LYS A 25 8.46 -8.36 -26.22
CA LYS A 25 9.80 -7.99 -25.79
C LYS A 25 9.89 -7.75 -24.29
N LEU A 26 8.79 -7.87 -23.55
CA LEU A 26 8.81 -7.58 -22.13
C LEU A 26 9.56 -8.67 -21.36
N PRO A 27 10.12 -8.33 -20.19
CA PRO A 27 10.71 -9.36 -19.34
C PRO A 27 9.70 -10.43 -18.96
N LYS A 28 10.19 -11.64 -18.71
CA LYS A 28 9.29 -12.73 -18.34
C LYS A 28 8.53 -12.48 -17.05
N PRO A 29 9.13 -11.90 -15.99
CA PRO A 29 8.33 -11.58 -14.81
C PRO A 29 7.18 -10.63 -15.11
N VAL A 30 7.41 -9.65 -16.00
CA VAL A 30 6.36 -8.70 -16.35
C VAL A 30 5.27 -9.40 -17.17
N GLN A 31 5.67 -10.24 -18.12
CA GLN A 31 4.69 -11.05 -18.85
C GLN A 31 3.84 -11.87 -17.89
N ASP A 32 4.49 -12.51 -16.91
CA ASP A 32 3.77 -13.30 -15.92
C ASP A 32 2.77 -12.45 -15.15
N LEU A 33 3.18 -11.26 -14.73
CA LEU A 33 2.27 -10.36 -14.04
C LEU A 33 1.06 -10.02 -14.91
N ILE A 34 1.32 -9.64 -16.16
CA ILE A 34 0.23 -9.27 -17.07
C ILE A 34 -0.77 -10.42 -17.18
N LYS A 35 -0.26 -11.63 -17.44
CA LYS A 35 -1.15 -12.79 -17.49
C LYS A 35 -1.90 -12.96 -16.17
N MET A 36 -1.23 -12.69 -15.06
CA MET A 36 -1.83 -12.89 -13.75
C MET A 36 -3.03 -11.97 -13.54
N ILE A 37 -3.01 -10.76 -14.11
CA ILE A 37 -4.09 -9.82 -13.86
C ILE A 37 -4.95 -9.60 -15.10
N PHE A 38 -5.24 -10.66 -15.84
CA PHE A 38 -6.13 -10.55 -16.98
C PHE A 38 -6.82 -11.88 -17.28
N ASP A 47 -6.37 -11.99 -26.56
CA ASP A 47 -5.81 -10.64 -26.46
C ASP A 47 -4.32 -10.73 -26.12
N PRO A 48 -3.44 -10.34 -27.05
CA PRO A 48 -2.00 -10.54 -26.82
C PRO A 48 -1.48 -9.72 -25.64
N ILE A 49 -0.29 -10.10 -25.18
CA ILE A 49 0.22 -9.58 -23.91
C ILE A 49 0.56 -8.10 -24.02
N ASP A 50 1.10 -7.67 -25.16
CA ASP A 50 1.56 -6.28 -25.26
C ASP A 50 0.39 -5.31 -25.23
N VAL A 51 -0.75 -5.66 -25.83
CA VAL A 51 -1.89 -4.77 -25.80
C VAL A 51 -2.45 -4.68 -24.38
N ASN A 52 -2.44 -5.79 -23.64
CA ASN A 52 -2.84 -5.76 -22.25
C ASN A 52 -1.89 -4.88 -21.43
N TYR A 53 -0.60 -4.95 -21.72
CA TYR A 53 0.36 -4.11 -21.01
C TYR A 53 0.10 -2.64 -21.29
N GLU A 54 -0.11 -2.28 -22.56
CA GLU A 54 -0.44 -0.91 -22.89
C GLU A 54 -1.80 -0.50 -22.33
N LYS A 55 -2.64 -1.47 -21.97
CA LYS A 55 -3.93 -1.15 -21.38
C LYS A 55 -3.78 -0.63 -19.96
N LEU A 56 -2.69 -1.00 -19.27
CA LEU A 56 -2.46 -0.52 -17.92
C LEU A 56 -1.98 0.92 -17.87
N LYS A 57 -1.46 1.44 -18.98
CA LYS A 57 -0.94 2.80 -19.03
C LYS A 57 0.04 3.04 -17.89
N THR A 58 0.99 2.12 -17.75
CA THR A 58 1.91 2.09 -16.63
C THR A 58 3.25 1.55 -17.09
N ASP A 59 4.32 2.28 -16.81
CA ASP A 59 5.66 1.77 -17.04
C ASP A 59 6.02 0.82 -15.90
N ILE A 60 6.45 -0.39 -16.25
CA ILE A 60 6.69 -1.46 -15.29
C ILE A 60 8.10 -1.99 -15.51
N LYS A 61 8.95 -1.85 -14.50
CA LYS A 61 10.31 -2.37 -14.54
C LYS A 61 10.50 -3.39 -13.42
N VAL A 62 11.46 -4.29 -13.62
CA VAL A 62 11.78 -5.30 -12.62
C VAL A 62 12.93 -4.77 -11.75
N VAL A 63 12.68 -4.68 -10.45
CA VAL A 63 13.73 -4.32 -9.50
C VAL A 63 14.61 -5.55 -9.26
N ASP A 64 15.91 -5.38 -9.45
CA ASP A 64 16.84 -6.49 -9.25
C ASP A 64 16.68 -7.07 -7.85
N ARG A 65 16.81 -8.38 -7.75
CA ARG A 65 16.68 -9.04 -6.45
C ARG A 65 17.86 -8.75 -5.53
N ASP A 66 19.01 -8.38 -6.09
CA ASP A 66 20.21 -8.09 -5.31
C ASP A 66 20.47 -6.59 -5.18
N SER A 67 19.49 -5.76 -5.48
CA SER A 67 19.63 -4.32 -5.33
C SER A 67 19.33 -3.89 -3.90
N GLU A 68 19.63 -2.63 -3.60
CA GLU A 68 19.30 -2.09 -2.28
C GLU A 68 17.81 -1.86 -2.14
N GLU A 69 17.14 -1.40 -3.21
CA GLU A 69 15.69 -1.30 -3.19
C GLU A 69 15.06 -2.61 -2.75
N ALA A 70 15.50 -3.72 -3.35
CA ALA A 70 14.90 -5.02 -3.04
C ALA A 70 15.21 -5.44 -1.62
N GLU A 71 16.42 -5.17 -1.14
CA GLU A 71 16.76 -5.50 0.24
C GLU A 71 15.87 -4.73 1.22
N ILE A 72 15.68 -3.44 0.97
CA ILE A 72 14.83 -2.63 1.83
C ILE A 72 13.39 -3.15 1.82
N ILE A 73 12.88 -3.49 0.64
CA ILE A 73 11.49 -3.93 0.56
C ILE A 73 11.32 -5.28 1.24
N ARG A 74 12.28 -6.19 1.04
CA ARG A 74 12.21 -7.48 1.71
C ARG A 74 12.30 -7.33 3.22
N LYS A 75 13.09 -6.36 3.69
CA LYS A 75 13.15 -6.09 5.13
C LYS A 75 11.80 -5.56 5.63
N TYR A 76 11.20 -4.65 4.88
CA TYR A 76 9.89 -4.12 5.22
C TYR A 76 8.87 -5.25 5.36
N VAL A 77 8.91 -6.21 4.43
CA VAL A 77 7.98 -7.34 4.51
C VAL A 77 8.31 -8.23 5.70
N LYS A 78 9.60 -8.48 5.95
CA LYS A 78 10.00 -9.39 7.02
C LYS A 78 9.61 -8.86 8.39
N ASN A 79 9.82 -7.56 8.62
CA ASN A 79 9.74 -7.04 9.98
C ASN A 79 8.33 -6.69 10.41
N THR A 80 7.46 -6.31 9.48
CA THR A 80 6.16 -5.74 9.82
C THR A 80 5.01 -6.74 9.70
N HIS A 81 5.29 -8.03 9.88
CA HIS A 81 4.23 -9.04 9.90
C HIS A 81 3.72 -9.17 11.33
N ALA A 82 2.41 -8.96 11.51
CA ALA A 82 1.83 -8.95 12.84
C ALA A 82 1.81 -10.34 13.45
N THR A 83 1.76 -10.37 14.79
CA THR A 83 1.71 -11.66 15.49
C THR A 83 0.33 -12.30 15.38
N THR A 84 -0.73 -11.49 15.36
CA THR A 84 -2.09 -12.01 15.29
C THR A 84 -2.51 -12.36 13.87
N HIS A 85 -1.65 -12.12 12.87
CA HIS A 85 -1.87 -12.60 11.51
C HIS A 85 -1.03 -13.84 11.22
N ASN A 86 -0.98 -14.75 12.19
CA ASN A 86 -0.16 -15.96 12.11
C ASN A 86 -0.77 -17.05 11.22
N ALA A 87 -1.70 -16.70 10.35
CA ALA A 87 -2.31 -17.66 9.46
C ALA A 87 -1.45 -17.97 8.25
N TYR A 88 -0.43 -17.16 7.96
CA TYR A 88 0.38 -17.37 6.77
C TYR A 88 1.70 -16.61 6.91
N ASP A 89 2.68 -17.07 6.14
CA ASP A 89 3.94 -16.37 5.94
C ASP A 89 3.96 -15.76 4.55
N LEU A 90 4.69 -14.66 4.39
CA LEU A 90 4.81 -13.97 3.12
C LEU A 90 6.23 -14.17 2.58
N GLU A 91 6.32 -14.54 1.31
CA GLU A 91 7.60 -14.62 0.61
C GLU A 91 7.52 -13.77 -0.64
N VAL A 92 8.54 -12.96 -0.89
CA VAL A 92 8.52 -12.08 -2.06
C VAL A 92 9.03 -12.87 -3.27
N ILE A 93 8.28 -12.81 -4.38
CA ILE A 93 8.66 -13.48 -5.61
C ILE A 93 9.33 -12.48 -6.53
N ASP A 94 8.60 -11.41 -6.86
CA ASP A 94 9.09 -10.36 -7.75
C ASP A 94 8.69 -9.01 -7.20
N ILE A 95 9.55 -8.02 -7.41
CA ILE A 95 9.27 -6.63 -7.07
C ILE A 95 9.31 -5.83 -8.36
N PHE A 96 8.27 -5.03 -8.58
CA PHE A 96 8.16 -4.20 -9.77
C PHE A 96 8.14 -2.73 -9.36
N LYS A 97 8.88 -1.92 -10.12
CA LYS A 97 8.80 -0.47 -10.00
C LYS A 97 7.83 0.03 -11.06
N ILE A 98 6.79 0.72 -10.61
CA ILE A 98 5.68 1.12 -11.47
C ILE A 98 5.60 2.64 -11.50
N GLU A 99 5.32 3.18 -12.67
CA GLU A 99 5.05 4.60 -12.85
C GLU A 99 3.80 4.72 -13.72
N ARG A 100 2.70 5.10 -13.09
CA ARG A 100 1.43 5.27 -13.79
C ARG A 100 1.45 6.58 -14.58
N GLU A 101 1.02 6.49 -15.83
CA GLU A 101 1.00 7.67 -16.70
C GLU A 101 0.28 8.82 -16.01
N GLY A 102 0.99 9.93 -15.84
CA GLY A 102 0.40 11.15 -15.32
C GLY A 102 0.31 11.26 -13.82
N GLU A 103 0.55 10.17 -13.08
CA GLU A 103 0.31 10.20 -11.64
C GLU A 103 1.30 11.11 -10.92
N CYS A 104 2.60 10.99 -11.25
CA CYS A 104 3.59 11.85 -10.63
C CYS A 104 3.35 13.31 -10.99
N GLN A 105 2.86 13.57 -12.20
CA GLN A 105 2.56 14.94 -12.60
C GLN A 105 1.46 15.55 -11.71
N ARG A 106 0.51 14.75 -11.26
CA ARG A 106 -0.57 15.25 -10.42
C ARG A 106 -0.27 15.17 -8.94
N TYR A 107 0.75 14.40 -8.55
CA TYR A 107 1.21 14.39 -7.16
C TYR A 107 2.05 15.60 -6.81
N LYS A 108 2.42 16.43 -7.79
CA LYS A 108 3.28 17.58 -7.56
C LYS A 108 2.86 18.45 -6.39
N PRO A 109 1.60 18.89 -6.27
CA PRO A 109 1.21 19.77 -5.16
C PRO A 109 1.62 19.26 -3.79
N PHE A 110 1.82 17.95 -3.66
CA PHE A 110 2.14 17.32 -2.38
C PHE A 110 3.53 16.71 -2.36
N LYS A 111 4.37 17.01 -3.36
CA LYS A 111 5.67 16.35 -3.45
C LYS A 111 6.61 16.77 -2.34
N GLN A 112 6.54 18.04 -1.93
CA GLN A 112 7.40 18.57 -0.87
C GLN A 112 6.67 18.69 0.47
N LEU A 113 5.43 18.23 0.54
CA LEU A 113 4.69 18.25 1.80
C LEU A 113 5.35 17.35 2.82
N HIS A 114 5.56 17.87 4.03
CA HIS A 114 6.17 17.09 5.10
C HIS A 114 5.37 15.81 5.35
N ASN A 115 6.03 14.86 6.01
CA ASN A 115 5.42 13.59 6.41
C ASN A 115 4.89 12.83 5.20
N ARG A 116 5.83 12.37 4.38
CA ARG A 116 5.55 11.48 3.26
C ARG A 116 6.07 10.09 3.62
N ARG A 117 5.19 9.10 3.60
CA ARG A 117 5.53 7.76 4.06
C ARG A 117 5.26 6.72 2.98
N LEU A 118 6.09 5.67 2.96
CA LEU A 118 5.93 4.55 2.05
C LEU A 118 5.10 3.48 2.75
N LEU A 119 3.90 3.21 2.23
CA LEU A 119 2.91 2.42 2.94
C LEU A 119 2.32 1.33 2.04
N TRP A 120 1.73 0.33 2.70
CA TRP A 120 1.17 -0.83 2.01
C TRP A 120 -0.27 -0.60 1.59
N HIS A 121 -0.66 -1.21 0.48
CA HIS A 121 -2.06 -1.25 0.07
C HIS A 121 -2.31 -2.58 -0.62
N GLY A 122 -3.12 -3.44 0.00
CA GLY A 122 -3.50 -4.70 -0.61
C GLY A 122 -4.87 -4.63 -1.26
N SER A 123 -5.09 -5.52 -2.21
CA SER A 123 -6.35 -5.58 -2.94
C SER A 123 -6.37 -6.87 -3.75
N ARG A 124 -7.58 -7.30 -4.08
CA ARG A 124 -7.74 -8.52 -4.87
C ARG A 124 -7.02 -8.38 -6.21
N THR A 125 -6.43 -9.48 -6.68
CA THR A 125 -5.80 -9.47 -7.99
C THR A 125 -6.77 -8.97 -9.06
N THR A 126 -8.03 -9.40 -8.99
CA THR A 126 -9.01 -9.00 -10.01
C THR A 126 -9.11 -7.49 -10.13
N ASN A 127 -8.80 -6.76 -9.07
CA ASN A 127 -8.95 -5.30 -9.08
C ASN A 127 -7.78 -4.59 -9.75
N PHE A 128 -6.62 -5.24 -9.83
CA PHE A 128 -5.40 -4.50 -10.14
C PHE A 128 -5.43 -3.94 -11.56
N ALA A 129 -6.00 -4.66 -12.52
CA ALA A 129 -6.14 -4.09 -13.86
C ALA A 129 -6.72 -2.68 -13.81
N GLY A 130 -7.73 -2.47 -12.95
CA GLY A 130 -8.26 -1.12 -12.79
C GLY A 130 -7.29 -0.23 -12.05
N ILE A 131 -6.74 -0.71 -10.94
CA ILE A 131 -5.90 0.12 -10.08
C ILE A 131 -4.73 0.71 -10.87
N LEU A 132 -4.11 -0.11 -11.73
CA LEU A 132 -2.95 0.38 -12.48
C LEU A 132 -3.37 1.32 -13.60
N SER A 133 -4.58 1.18 -14.13
CA SER A 133 -5.00 2.03 -15.24
C SER A 133 -5.72 3.28 -14.79
N GLN A 134 -6.40 3.25 -13.64
CA GLN A 134 -7.12 4.38 -13.11
C GLN A 134 -6.54 4.89 -11.79
N GLY A 135 -5.56 4.20 -11.22
CA GLY A 135 -5.02 4.57 -9.93
C GLY A 135 -5.98 4.21 -8.81
N LEU A 136 -5.52 4.30 -7.57
CA LEU A 136 -6.42 4.13 -6.43
C LEU A 136 -7.42 5.28 -6.40
N ARG A 137 -8.67 4.95 -6.09
CA ARG A 137 -9.77 5.90 -6.19
C ARG A 137 -10.66 5.83 -4.96
N ILE A 138 -11.49 6.84 -4.81
CA ILE A 138 -12.35 7.03 -3.65
C ILE A 138 -13.79 6.72 -4.06
N ALA A 139 -14.51 6.04 -3.18
CA ALA A 139 -15.90 5.67 -3.43
C ALA A 139 -16.71 6.92 -3.79
N PRO A 140 -17.71 6.80 -4.66
CA PRO A 140 -18.45 7.99 -5.10
C PRO A 140 -19.26 8.58 -3.96
N PRO A 141 -19.68 9.85 -4.09
CA PRO A 141 -20.43 10.47 -3.00
C PRO A 141 -21.72 9.77 -2.65
N GLU A 142 -22.40 9.15 -3.62
CA GLU A 142 -23.68 8.51 -3.33
C GLU A 142 -23.53 7.22 -2.52
N ALA A 143 -22.31 6.71 -2.37
CA ALA A 143 -22.12 5.43 -1.70
C ALA A 143 -22.19 5.61 -0.18
N PRO A 144 -22.76 4.65 0.55
CA PRO A 144 -22.83 4.78 2.01
C PRO A 144 -21.46 4.85 2.64
N VAL A 145 -21.44 5.23 3.92
CA VAL A 145 -20.22 5.21 4.73
C VAL A 145 -20.12 3.95 5.56
N THR A 146 -21.06 3.02 5.42
CA THR A 146 -20.95 1.73 6.10
C THR A 146 -19.73 0.98 5.61
N GLY A 147 -18.98 0.40 6.55
CA GLY A 147 -17.78 -0.33 6.23
C GLY A 147 -16.54 0.52 6.06
N TYR A 148 -16.67 1.84 6.09
CA TYR A 148 -15.54 2.76 6.00
C TYR A 148 -15.28 3.29 7.41
N MET A 149 -14.33 2.68 8.11
CA MET A 149 -14.11 3.03 9.51
C MET A 149 -13.73 4.49 9.67
N PHE A 150 -12.98 5.04 8.72
CA PHE A 150 -12.56 6.43 8.76
C PHE A 150 -12.98 7.16 7.49
N GLY A 151 -14.20 6.89 7.03
CA GLY A 151 -14.78 7.61 5.92
C GLY A 151 -14.33 7.07 4.58
N LYS A 152 -14.93 7.61 3.52
CA LYS A 152 -14.65 7.18 2.16
C LYS A 152 -13.34 7.82 1.72
N GLY A 153 -12.28 7.03 1.71
CA GLY A 153 -10.98 7.51 1.29
C GLY A 153 -10.11 6.38 0.82
N ILE A 154 -8.82 6.68 0.70
CA ILE A 154 -7.81 5.69 0.33
C ILE A 154 -7.06 5.31 1.59
N TYR A 155 -7.06 4.01 1.89
CA TYR A 155 -6.51 3.44 3.12
C TYR A 155 -5.17 2.77 2.85
N PHE A 156 -4.27 2.89 3.82
CA PHE A 156 -2.94 2.31 3.77
C PHE A 156 -2.60 1.80 5.16
N ALA A 157 -1.59 0.93 5.21
CA ALA A 157 -1.10 0.37 6.47
C ALA A 157 0.41 0.40 6.46
N ASP A 158 1.00 0.42 7.67
CA ASP A 158 2.43 0.24 7.84
C ASP A 158 2.79 -1.17 8.29
N MET A 159 1.84 -2.10 8.23
CA MET A 159 2.05 -3.50 8.55
C MET A 159 1.66 -4.33 7.34
N VAL A 160 2.63 -5.02 6.75
CA VAL A 160 2.39 -5.69 5.47
C VAL A 160 1.28 -6.73 5.59
N SER A 161 1.15 -7.37 6.75
CA SER A 161 0.12 -8.41 6.90
C SER A 161 -1.27 -7.79 6.89
N LYS A 162 -1.43 -6.62 7.50
CA LYS A 162 -2.73 -5.98 7.53
C LYS A 162 -3.22 -5.63 6.14
N SER A 163 -2.32 -5.20 5.26
CA SER A 163 -2.69 -4.94 3.88
C SER A 163 -2.87 -6.23 3.10
N ALA A 164 -2.01 -7.22 3.35
CA ALA A 164 -2.09 -8.49 2.64
C ALA A 164 -3.42 -9.19 2.91
N ASN A 165 -4.00 -8.99 4.09
CA ASN A 165 -5.29 -9.58 4.38
C ASN A 165 -6.34 -9.15 3.36
N TYR A 166 -6.19 -7.95 2.80
CA TYR A 166 -7.15 -7.43 1.82
C TYR A 166 -6.93 -7.99 0.43
N CYS A 167 -5.97 -8.89 0.25
CA CYS A 167 -5.83 -9.61 -1.01
C CYS A 167 -6.81 -10.78 -1.09
N HIS A 168 -7.33 -11.24 0.04
CA HIS A 168 -8.24 -12.39 0.11
C HIS A 168 -7.65 -13.57 -0.67
N THR A 169 -6.38 -13.84 -0.41
CA THR A 169 -5.71 -14.98 -1.01
C THR A 169 -6.21 -16.27 -0.37
N SER A 170 -6.39 -17.29 -1.21
CA SER A 170 -6.89 -18.59 -0.79
C SER A 170 -5.76 -19.61 -0.78
N GLN A 171 -5.95 -20.66 0.03
CA GLN A 171 -4.99 -21.77 0.02
C GLN A 171 -4.84 -22.34 -1.39
N GLY A 172 -5.90 -22.27 -2.21
CA GLY A 172 -5.84 -22.85 -3.52
C GLY A 172 -4.99 -22.04 -4.49
N ASP A 173 -5.12 -20.71 -4.45
CA ASP A 173 -4.34 -19.79 -5.28
C ASP A 173 -3.53 -18.92 -4.34
N PRO A 174 -2.33 -19.34 -3.94
CA PRO A 174 -1.64 -18.66 -2.84
C PRO A 174 -0.74 -17.51 -3.27
N ILE A 175 -1.04 -16.88 -4.40
CA ILE A 175 -0.25 -15.77 -4.92
C ILE A 175 -1.09 -14.50 -4.84
N GLY A 176 -0.47 -13.42 -4.36
CA GLY A 176 -1.16 -12.16 -4.17
C GLY A 176 -0.32 -10.99 -4.63
N LEU A 177 -0.99 -9.85 -4.79
CA LEU A 177 -0.36 -8.60 -5.21
C LEU A 177 -0.59 -7.53 -4.15
N ILE A 178 0.41 -6.69 -3.93
CA ILE A 178 0.35 -5.65 -2.91
C ILE A 178 1.20 -4.47 -3.37
N LEU A 179 0.70 -3.26 -3.09
CA LEU A 179 1.32 -2.02 -3.53
C LEU A 179 2.09 -1.36 -2.40
N LEU A 180 3.20 -0.73 -2.75
CA LEU A 180 3.86 0.25 -1.91
C LEU A 180 3.63 1.62 -2.53
N GLY A 181 3.06 2.52 -1.75
CA GLY A 181 2.74 3.85 -2.25
C GLY A 181 3.32 4.93 -1.36
N GLU A 182 3.85 5.97 -1.99
CA GLU A 182 4.24 7.18 -1.30
C GLU A 182 2.97 7.97 -1.01
N VAL A 183 2.61 8.10 0.26
CA VAL A 183 1.43 8.83 0.69
C VAL A 183 1.89 10.13 1.33
N ALA A 184 1.30 11.23 0.88
CA ALA A 184 1.57 12.57 1.41
C ALA A 184 0.58 12.81 2.55
N LEU A 185 1.02 12.51 3.77
CA LEU A 185 0.13 12.53 4.93
C LEU A 185 -0.02 13.93 5.51
N GLY A 186 0.99 14.79 5.36
CA GLY A 186 0.90 16.12 5.92
C GLY A 186 0.56 16.08 7.40
N ASN A 187 -0.24 17.05 7.83
CA ASN A 187 -0.73 17.07 9.21
C ASN A 187 -1.76 15.98 9.40
N MET A 188 -1.48 15.03 10.30
CA MET A 188 -2.36 13.90 10.52
C MET A 188 -3.39 14.22 11.60
N TYR A 189 -4.63 13.82 11.33
CA TYR A 189 -5.70 13.81 12.33
C TYR A 189 -5.61 12.44 12.99
N GLU A 190 -5.07 12.42 14.21
CA GLU A 190 -4.85 11.15 14.91
C GLU A 190 -6.11 10.79 15.69
N LEU A 191 -6.67 9.64 15.37
CA LEU A 191 -7.94 9.20 15.93
C LEU A 191 -7.80 7.81 16.52
N LYS A 192 -8.43 7.60 17.68
CA LYS A 192 -8.43 6.30 18.33
C LYS A 192 -9.68 5.49 18.04
N HIS A 193 -10.79 6.13 17.69
CA HIS A 193 -12.04 5.47 17.38
C HIS A 193 -12.50 5.87 15.98
N ALA A 194 -13.48 5.14 15.47
CA ALA A 194 -13.97 5.36 14.11
C ALA A 194 -14.74 6.68 14.02
N SER A 195 -14.59 7.36 12.88
CA SER A 195 -15.30 8.60 12.61
C SER A 195 -16.41 8.44 11.59
N HIS A 196 -16.19 7.64 10.55
CA HIS A 196 -17.16 7.34 9.49
C HIS A 196 -17.45 8.54 8.59
N ILE A 197 -16.72 9.63 8.73
CA ILE A 197 -16.86 10.78 7.84
C ILE A 197 -15.53 11.02 7.14
N SER A 198 -15.59 11.68 5.99
CA SER A 198 -14.43 11.94 5.15
C SER A 198 -14.08 13.42 5.06
N LYS A 199 -14.55 14.22 6.02
CA LYS A 199 -14.29 15.65 6.06
C LYS A 199 -13.33 15.93 7.21
N LEU A 200 -12.19 16.54 6.91
CA LEU A 200 -11.19 16.83 7.92
C LEU A 200 -11.24 18.28 8.34
N PRO A 201 -10.74 18.60 9.54
CA PRO A 201 -10.61 20.01 9.93
C PRO A 201 -9.67 20.75 9.00
N LYS A 202 -9.70 22.08 9.11
CA LYS A 202 -8.79 22.92 8.35
C LYS A 202 -7.35 22.61 8.71
N GLY A 203 -6.48 22.58 7.71
CA GLY A 203 -5.07 22.31 7.93
C GLY A 203 -4.74 20.87 8.28
N LYS A 204 -5.64 19.93 7.97
CA LYS A 204 -5.39 18.51 8.15
C LYS A 204 -5.47 17.83 6.80
N HIS A 205 -4.51 16.95 6.52
CA HIS A 205 -4.38 16.33 5.20
C HIS A 205 -4.66 14.84 5.19
N SER A 206 -4.67 14.18 6.34
CA SER A 206 -4.85 12.74 6.40
C SER A 206 -5.38 12.39 7.78
N VAL A 207 -5.73 11.12 7.94
CA VAL A 207 -6.14 10.56 9.23
C VAL A 207 -5.20 9.41 9.56
N LYS A 208 -4.77 9.35 10.82
CA LYS A 208 -4.01 8.22 11.33
C LYS A 208 -4.83 7.54 12.41
N GLY A 209 -5.28 6.31 12.13
CA GLY A 209 -5.87 5.47 13.15
C GLY A 209 -4.80 4.83 13.99
N LEU A 210 -4.76 5.21 15.27
CA LEU A 210 -3.69 4.79 16.17
C LEU A 210 -3.93 3.36 16.65
N GLY A 211 -2.98 2.48 16.36
CA GLY A 211 -3.05 1.11 16.81
C GLY A 211 -2.18 0.86 18.02
N LYS A 212 -2.44 -0.26 18.70
CA LYS A 212 -1.64 -0.64 19.86
C LYS A 212 -0.19 -0.93 19.47
N THR A 213 0.03 -1.47 18.28
CA THR A 213 1.35 -1.88 17.82
C THR A 213 1.76 -1.04 16.61
N THR A 214 2.96 -0.46 16.68
CA THR A 214 3.53 0.29 15.57
C THR A 214 4.95 -0.18 15.31
N PRO A 215 5.43 -0.06 14.08
CA PRO A 215 6.85 -0.35 13.82
C PRO A 215 7.75 0.54 14.66
N ASP A 216 8.86 -0.03 15.13
CA ASP A 216 9.80 0.68 15.98
C ASP A 216 10.27 1.94 15.26
N PRO A 217 9.89 3.14 15.73
CA PRO A 217 10.20 4.36 14.97
C PRO A 217 11.69 4.67 14.91
N SER A 218 12.50 4.19 15.85
CA SER A 218 13.94 4.40 15.77
C SER A 218 14.59 3.56 14.68
N ALA A 219 13.84 2.66 14.05
CA ALA A 219 14.34 1.90 12.90
C ALA A 219 13.90 2.48 11.57
N ASN A 220 13.01 3.48 11.58
CA ASN A 220 12.59 4.13 10.34
C ASN A 220 13.81 4.62 9.57
N ILE A 221 13.75 4.50 8.24
CA ILE A 221 14.76 5.04 7.36
C ILE A 221 14.08 5.91 6.32
N SER A 222 14.90 6.64 5.56
CA SER A 222 14.43 7.54 4.52
C SER A 222 14.96 7.06 3.18
N LEU A 223 14.05 6.73 2.27
CA LEU A 223 14.39 6.25 0.93
C LEU A 223 13.94 7.32 -0.07
N ASP A 224 14.86 8.23 -0.39
CA ASP A 224 14.58 9.35 -1.29
C ASP A 224 13.54 10.28 -0.67
N GLY A 225 13.88 10.80 0.50
CA GLY A 225 13.02 11.75 1.19
C GLY A 225 11.70 11.20 1.67
N VAL A 226 11.48 9.89 1.58
CA VAL A 226 10.23 9.26 1.96
C VAL A 226 10.50 8.27 3.08
N ASP A 227 9.75 8.39 4.17
CA ASP A 227 9.93 7.52 5.32
C ASP A 227 9.48 6.10 5.01
N VAL A 228 10.24 5.14 5.50
CA VAL A 228 9.92 3.72 5.37
C VAL A 228 9.89 3.12 6.77
N PRO A 229 8.71 2.97 7.37
CA PRO A 229 8.64 2.43 8.74
C PRO A 229 8.79 0.92 8.78
N LEU A 230 10.01 0.46 8.49
CA LEU A 230 10.30 -0.98 8.41
C LEU A 230 10.82 -1.55 9.72
N GLY A 231 10.62 -0.84 10.83
CA GLY A 231 11.01 -1.38 12.11
C GLY A 231 10.13 -2.52 12.56
N THR A 232 10.71 -3.44 13.33
CA THR A 232 9.93 -4.52 13.89
C THR A 232 8.93 -3.98 14.91
N GLY A 233 7.79 -4.64 15.00
CA GLY A 233 6.68 -4.10 15.79
C GLY A 233 7.06 -3.94 17.25
N ILE A 234 6.54 -2.87 17.85
CA ILE A 234 6.59 -2.64 19.30
C ILE A 234 5.27 -2.00 19.72
N SER A 235 5.12 -1.79 21.02
CA SER A 235 3.92 -1.15 21.53
C SER A 235 4.01 0.36 21.35
N SER A 236 2.86 0.97 21.05
CA SER A 236 2.80 2.42 20.82
C SER A 236 2.56 3.21 22.09
N GLY A 237 2.02 2.59 23.14
CA GLY A 237 1.59 3.31 24.32
C GLY A 237 0.19 3.87 24.23
N VAL A 238 -0.41 3.88 23.04
CA VAL A 238 -1.78 4.33 22.89
C VAL A 238 -2.70 3.36 23.62
N ASN A 239 -3.43 3.87 24.62
CA ASN A 239 -4.22 3.01 25.49
C ASN A 239 -5.66 2.88 25.01
N ASP A 240 -6.37 4.01 24.90
CA ASP A 240 -7.79 4.00 24.60
C ASP A 240 -8.02 3.97 23.08
N THR A 241 -7.60 2.87 22.47
CA THR A 241 -7.69 2.70 21.02
C THR A 241 -8.46 1.44 20.67
N SER A 242 -9.19 1.50 19.56
CA SER A 242 -9.95 0.37 19.03
C SER A 242 -9.19 -0.39 17.96
N LEU A 243 -8.01 0.07 17.58
CA LEU A 243 -7.24 -0.53 16.50
C LEU A 243 -6.03 -1.27 17.07
N LEU A 244 -5.72 -2.44 16.49
CA LEU A 244 -4.52 -3.16 16.85
C LEU A 244 -3.29 -2.58 16.14
N TYR A 245 -3.46 -2.14 14.90
CA TYR A 245 -2.37 -1.62 14.09
C TYR A 245 -2.82 -0.34 13.40
N ASN A 246 -1.84 0.46 12.99
CA ASN A 246 -2.14 1.78 12.47
C ASN A 246 -2.91 1.69 11.15
N GLU A 247 -3.62 2.79 10.84
CA GLU A 247 -4.20 2.98 9.52
C GLU A 247 -3.89 4.40 9.06
N TYR A 248 -3.76 4.59 7.76
CA TYR A 248 -3.55 5.92 7.19
C TYR A 248 -4.59 6.13 6.10
N ILE A 249 -5.29 7.26 6.14
CA ILE A 249 -6.35 7.54 5.18
C ILE A 249 -6.13 8.92 4.59
N VAL A 250 -6.09 8.99 3.26
CA VAL A 250 -6.14 10.28 2.57
C VAL A 250 -7.43 10.35 1.78
N TYR A 251 -7.89 11.58 1.52
CA TYR A 251 -9.18 11.81 0.88
C TYR A 251 -9.04 12.59 -0.41
N ASP A 252 -7.86 12.56 -1.03
CA ASP A 252 -7.62 13.16 -2.33
C ASP A 252 -6.67 12.25 -3.09
N ILE A 253 -7.10 11.79 -4.28
CA ILE A 253 -6.29 10.84 -5.03
C ILE A 253 -4.92 11.41 -5.35
N ALA A 254 -4.82 12.74 -5.43
CA ALA A 254 -3.55 13.38 -5.74
C ALA A 254 -2.52 13.24 -4.63
N GLN A 255 -2.90 12.73 -3.47
CA GLN A 255 -1.97 12.56 -2.35
C GLN A 255 -1.26 11.22 -2.37
N VAL A 256 -1.53 10.37 -3.37
CA VAL A 256 -0.94 9.04 -3.46
C VAL A 256 -0.08 8.96 -4.71
N ASN A 257 1.07 8.31 -4.58
CA ASN A 257 2.00 8.11 -5.70
C ASN A 257 2.52 6.68 -5.59
N LEU A 258 1.93 5.77 -6.36
CA LEU A 258 2.34 4.37 -6.29
C LEU A 258 3.78 4.23 -6.77
N LYS A 259 4.60 3.52 -5.99
CA LYS A 259 6.02 3.34 -6.31
C LYS A 259 6.39 1.92 -6.67
N TYR A 260 5.83 0.92 -5.99
CA TYR A 260 6.21 -0.47 -6.24
C TYR A 260 4.98 -1.36 -6.22
N LEU A 261 5.11 -2.52 -6.86
CA LEU A 261 4.09 -3.56 -6.85
C LEU A 261 4.77 -4.88 -6.56
N LEU A 262 4.33 -5.57 -5.51
CA LEU A 262 4.95 -6.81 -5.05
C LEU A 262 4.05 -8.00 -5.38
N LYS A 263 4.69 -9.09 -5.81
CA LYS A 263 4.04 -10.37 -6.00
C LYS A 263 4.48 -11.28 -4.87
N LEU A 264 3.53 -11.82 -4.12
CA LEU A 264 3.81 -12.50 -2.86
C LEU A 264 3.27 -13.92 -2.90
N LYS A 265 4.09 -14.86 -2.43
CA LYS A 265 3.65 -16.21 -2.12
C LYS A 265 3.17 -16.23 -0.67
N PHE A 266 1.89 -16.59 -0.50
CA PHE A 266 1.33 -16.85 0.82
C PHE A 266 1.56 -18.32 1.16
N ASN A 267 2.18 -18.56 2.31
CA ASN A 267 2.44 -19.91 2.79
C ASN A 267 1.59 -20.12 4.04
N PHE A 268 0.46 -20.81 3.87
CA PHE A 268 -0.44 -21.06 4.98
C PHE A 268 0.05 -22.27 5.79
N LYS A 269 -0.45 -22.36 7.02
CA LYS A 269 -0.05 -23.45 7.91
C LYS A 269 -0.77 -24.74 7.54
#